data_8TWO
#
_entry.id   8TWO
#
_cell.length_a   57.990
_cell.length_b   119.236
_cell.length_c   39.980
_cell.angle_alpha   90.00
_cell.angle_beta   90.00
_cell.angle_gamma   90.00
#
_symmetry.space_group_name_H-M   'P 21 21 2'
#
loop_
_entity.id
_entity.type
_entity.pdbx_description
1 polymer 'Avirulence protein B'
2 polymer 'RPM1-interacting protein 4'
3 non-polymer "URIDINE-5'-DIPHOSPHATE"
4 non-polymer alpha-L-rhamnopyranose
#
loop_
_entity_poly.entity_id
_entity_poly.type
_entity_poly.pdbx_seq_one_letter_code
_entity_poly.pdbx_strand_id
1 'polypeptide(L)'
;AHMGCVSSKSTTVLSPQTSFNEASRTSFRALPGPSQRQLEVYDQCLIGAARWPDDSSKSNTPENRAYCQSMYNSIRSAGD
EISRGGITSFEELWGRATEWRLSKLQRGEPLYSAFASERTSDTDAVTPLVKPYKSVLARVVDHEDAHDEIMQDNLFGDLN
VKVYRQTAYLHGNVIPLNTFRVATDTEYLRDRVAHLRTELGAKALKQHLQRYNPDRIDHTNASYLPIIKDHLNDLYRQAI
SSDLSQAELISLIARTHWWAASAMPDQRGSAAKAEFAARAIASAHGIELPPFRNGNVSDIEAMLSGEEEFVEKYRSLLDS
DCF
;
A
2 'polypeptide(L)' APKFGDWDENNPSSADGYTHIFNKVRDEVD B
#
# COMPACT_ATOMS: atom_id res chain seq x y z
N ARG A 29 -7.18 -30.87 -1.35
CA ARG A 29 -5.93 -31.53 -1.04
C ARG A 29 -4.91 -30.72 -0.27
N ALA A 30 -4.42 -31.31 0.82
CA ALA A 30 -3.37 -30.71 1.64
C ALA A 30 -2.17 -30.29 0.76
N LEU A 31 -1.30 -29.47 1.32
CA LEU A 31 -0.20 -28.81 0.62
C LEU A 31 1.05 -29.07 1.42
N PRO A 32 2.23 -28.81 0.84
CA PRO A 32 3.47 -29.03 1.60
C PRO A 32 3.50 -28.30 2.92
N GLY A 33 3.18 -27.00 2.94
CA GLY A 33 3.38 -26.18 4.13
C GLY A 33 4.73 -25.48 4.04
N PRO A 34 4.99 -24.56 4.97
CA PRO A 34 6.24 -23.78 4.91
C PRO A 34 7.47 -24.65 4.73
N SER A 35 8.48 -24.09 4.08
CA SER A 35 9.69 -24.84 3.88
C SER A 35 10.40 -25.02 5.23
N GLN A 36 11.34 -25.97 5.26
CA GLN A 36 12.31 -26.05 6.34
C GLN A 36 13.60 -25.31 6.01
N ARG A 37 13.86 -25.10 4.70
CA ARG A 37 14.96 -24.27 4.21
C ARG A 37 14.52 -22.80 4.30
N GLN A 38 14.90 -22.17 5.42
CA GLN A 38 14.53 -20.80 5.74
C GLN A 38 15.50 -19.77 5.18
N LEU A 39 14.96 -18.59 4.85
CA LEU A 39 15.80 -17.45 4.55
C LEU A 39 16.79 -17.17 5.69
N GLU A 40 18.00 -16.74 5.32
CA GLU A 40 18.93 -16.26 6.32
C GLU A 40 18.28 -15.14 7.12
N VAL A 41 18.57 -15.08 8.42
CA VAL A 41 17.96 -14.09 9.30
C VAL A 41 18.02 -12.71 8.68
N TYR A 42 19.20 -12.30 8.22
CA TYR A 42 19.33 -10.96 7.62
C TYR A 42 18.19 -10.67 6.63
N ASP A 43 17.59 -11.72 6.06
CA ASP A 43 16.45 -11.58 5.15
C ASP A 43 15.10 -11.69 5.88
N GLN A 44 14.99 -12.55 6.90
CA GLN A 44 13.79 -12.58 7.70
C GLN A 44 13.47 -11.18 8.19
N CYS A 45 14.49 -10.47 8.68
CA CYS A 45 14.34 -9.20 9.35
C CYS A 45 14.05 -8.08 8.40
N LEU A 46 13.88 -8.39 7.12
CA LEU A 46 13.46 -7.48 6.08
C LEU A 46 12.16 -7.90 5.40
N ILE A 47 11.43 -8.88 5.94
CA ILE A 47 10.11 -9.23 5.44
C ILE A 47 9.06 -8.21 5.91
N GLY A 48 8.42 -7.55 4.94
CA GLY A 48 7.48 -6.48 5.24
C GLY A 48 8.11 -5.15 5.66
N ALA A 49 9.41 -4.94 5.40
CA ALA A 49 9.99 -3.62 5.58
C ALA A 49 9.41 -2.68 4.54
N ALA A 50 9.57 -1.38 4.79
CA ALA A 50 9.21 -0.35 3.81
C ALA A 50 10.50 0.34 3.38
N ARG A 51 11.28 -0.33 2.50
CA ARG A 51 12.64 0.09 2.16
C ARG A 51 12.58 1.28 1.20
N TRP A 52 12.20 2.43 1.76
CA TRP A 52 12.07 3.63 0.97
C TRP A 52 13.37 3.90 0.23
N PRO A 53 13.33 4.22 -1.07
CA PRO A 53 14.56 4.68 -1.71
C PRO A 53 15.13 5.97 -1.10
N ASP A 54 14.38 6.68 -0.25
CA ASP A 54 14.89 7.92 0.34
C ASP A 54 15.07 7.84 1.85
N ASP A 55 15.10 6.64 2.43
CA ASP A 55 15.35 6.48 3.86
C ASP A 55 15.20 5.01 4.22
N SER A 56 16.13 4.18 3.71
CA SER A 56 16.31 2.81 4.17
C SER A 56 17.09 2.74 5.47
N SER A 57 17.10 3.86 6.21
CA SER A 57 17.63 3.87 7.57
C SER A 57 16.72 3.07 8.50
N LYS A 58 15.40 3.30 8.40
CA LYS A 58 14.44 2.60 9.21
C LYS A 58 14.40 1.11 8.90
N SER A 59 14.88 0.69 7.72
CA SER A 59 14.95 -0.73 7.45
C SER A 59 16.01 -1.43 8.27
N ASN A 60 16.98 -0.69 8.79
CA ASN A 60 18.16 -1.28 9.40
C ASN A 60 18.05 -1.40 10.92
N THR A 61 16.94 -1.00 11.52
CA THR A 61 16.86 -0.75 12.94
C THR A 61 16.74 -2.03 13.74
N PRO A 62 16.93 -1.98 15.08
CA PRO A 62 16.62 -3.17 15.90
C PRO A 62 15.12 -3.48 15.96
N GLU A 63 14.26 -2.46 16.19
CA GLU A 63 12.83 -2.69 16.27
C GLU A 63 12.26 -3.20 14.94
N ASN A 64 12.69 -2.60 13.83
CA ASN A 64 12.11 -2.97 12.55
C ASN A 64 12.55 -4.37 12.12
N ARG A 65 13.81 -4.73 12.36
CA ARG A 65 14.16 -6.15 12.23
C ARG A 65 13.32 -7.03 13.15
N ALA A 66 13.09 -6.61 14.40
CA ALA A 66 12.18 -7.35 15.29
C ALA A 66 10.79 -7.49 14.68
N TYR A 67 10.18 -6.36 14.26
CA TYR A 67 8.89 -6.38 13.56
C TYR A 67 8.92 -7.36 12.39
N CYS A 68 9.94 -7.25 11.55
CA CYS A 68 9.91 -8.04 10.30
C CYS A 68 9.99 -9.53 10.59
N GLN A 69 10.86 -9.92 11.52
CA GLN A 69 11.02 -11.34 11.86
C GLN A 69 9.74 -11.90 12.41
N SER A 70 9.05 -11.12 13.19
CA SER A 70 7.76 -11.53 13.70
C SER A 70 6.81 -11.81 12.55
N MET A 71 6.72 -10.86 11.59
CA MET A 71 5.86 -11.07 10.42
C MET A 71 6.30 -12.35 9.70
N TYR A 72 7.61 -12.47 9.41
CA TYR A 72 8.13 -13.72 8.87
C TYR A 72 7.49 -14.93 9.57
N ASN A 73 7.60 -14.94 10.90
CA ASN A 73 7.19 -16.09 11.71
C ASN A 73 5.67 -16.32 11.70
N SER A 74 4.88 -15.23 11.83
CA SER A 74 3.42 -15.39 11.79
C SER A 74 2.89 -15.68 10.39
N ILE A 75 3.66 -15.32 9.33
CA ILE A 75 3.24 -15.70 7.95
C ILE A 75 3.30 -17.22 7.81
N ARG A 76 4.44 -17.81 8.22
CA ARG A 76 4.58 -19.26 8.17
C ARG A 76 3.52 -19.93 9.04
N SER A 77 3.23 -19.35 10.21
CA SER A 77 2.22 -19.98 11.06
C SER A 77 0.85 -19.92 10.40
N ALA A 78 0.58 -18.85 9.62
CA ALA A 78 -0.59 -18.86 8.74
C ALA A 78 -0.38 -19.83 7.58
N GLY A 79 0.82 -19.80 6.99
CA GLY A 79 1.27 -20.86 6.10
C GLY A 79 0.89 -22.26 6.55
N ASP A 80 1.26 -22.62 7.79
CA ASP A 80 0.97 -23.96 8.32
C ASP A 80 -0.50 -24.30 8.12
N GLU A 81 -1.39 -23.33 8.38
CA GLU A 81 -2.81 -23.64 8.51
C GLU A 81 -3.52 -23.59 7.17
N ILE A 82 -3.02 -22.81 6.20
CA ILE A 82 -3.57 -22.91 4.85
C ILE A 82 -3.35 -24.32 4.31
N SER A 83 -2.14 -24.84 4.49
CA SER A 83 -1.85 -26.21 4.10
C SER A 83 -2.83 -27.22 4.71
N ARG A 84 -3.30 -27.01 5.93
CA ARG A 84 -4.08 -28.05 6.62
C ARG A 84 -5.59 -27.97 6.39
N GLY A 85 -6.07 -27.03 5.55
CA GLY A 85 -7.50 -26.77 5.47
C GLY A 85 -8.05 -25.80 6.51
N GLY A 86 -7.18 -25.24 7.36
CA GLY A 86 -7.66 -24.43 8.46
C GLY A 86 -8.30 -23.13 8.02
N ILE A 87 -7.66 -22.43 7.09
CA ILE A 87 -8.06 -21.08 6.71
C ILE A 87 -8.80 -21.25 5.39
N THR A 88 -10.09 -21.05 5.42
CA THR A 88 -10.93 -21.42 4.29
C THR A 88 -11.16 -20.26 3.33
N SER A 89 -10.98 -19.00 3.77
CA SER A 89 -11.37 -17.87 2.93
C SER A 89 -10.34 -16.77 3.04
N PHE A 90 -10.17 -15.99 1.94
CA PHE A 90 -9.21 -14.90 2.01
C PHE A 90 -9.49 -13.96 3.21
N GLU A 91 -10.78 -13.73 3.50
CA GLU A 91 -11.15 -12.91 4.65
C GLU A 91 -10.64 -13.49 5.96
N GLU A 92 -10.71 -14.80 6.10
CA GLU A 92 -10.10 -15.41 7.27
C GLU A 92 -8.59 -15.17 7.31
N LEU A 93 -7.96 -15.33 6.17
CA LEU A 93 -6.54 -15.08 6.12
C LEU A 93 -6.21 -13.66 6.51
N TRP A 94 -7.04 -12.72 6.00
CA TRP A 94 -6.82 -11.30 6.22
C TRP A 94 -6.98 -10.99 7.71
N GLY A 95 -7.94 -11.64 8.35
CA GLY A 95 -8.00 -11.66 9.81
C GLY A 95 -6.69 -12.01 10.47
N ARG A 96 -6.09 -13.16 10.06
CA ARG A 96 -4.81 -13.57 10.65
C ARG A 96 -3.79 -12.45 10.47
N ALA A 97 -3.71 -11.89 9.27
CA ALA A 97 -2.84 -10.73 9.07
C ALA A 97 -3.23 -9.62 10.05
N THR A 98 -4.51 -9.34 10.18
CA THR A 98 -4.85 -8.24 11.05
C THR A 98 -4.50 -8.55 12.50
N GLU A 99 -4.81 -9.78 12.96
CA GLU A 99 -4.45 -10.17 14.34
C GLU A 99 -2.96 -9.99 14.56
N TRP A 100 -2.15 -10.45 13.61
CA TRP A 100 -0.72 -10.25 13.75
C TRP A 100 -0.38 -8.77 13.90
N ARG A 101 -0.86 -7.98 12.95
CA ARG A 101 -0.42 -6.59 12.88
C ARG A 101 -0.78 -5.83 14.14
N LEU A 102 -1.97 -6.09 14.67
CA LEU A 102 -2.44 -5.42 15.88
C LEU A 102 -1.57 -5.76 17.07
N SER A 103 -1.11 -6.97 17.14
CA SER A 103 -0.25 -7.31 18.27
C SER A 103 1.11 -6.64 18.19
N LYS A 104 1.37 -5.88 17.14
CA LYS A 104 2.64 -5.17 17.05
C LYS A 104 2.46 -3.70 17.36
N LEU A 105 1.25 -3.22 17.28
CA LEU A 105 0.97 -1.88 17.76
C LEU A 105 1.27 -1.77 19.24
N GLN A 106 2.20 -0.86 19.57
CA GLN A 106 2.31 -0.28 20.90
C GLN A 106 1.55 1.04 20.99
N ARG A 107 0.74 1.36 19.99
CA ARG A 107 -0.14 2.52 20.02
C ARG A 107 -1.47 2.10 20.67
N GLY A 108 -2.42 3.05 20.83
CA GLY A 108 -3.63 2.87 21.58
C GLY A 108 -4.87 2.96 20.71
N GLU A 109 -6.01 3.13 21.39
CA GLU A 109 -7.31 2.77 20.83
C GLU A 109 -7.76 3.57 19.59
N PRO A 110 -7.60 4.93 19.49
CA PRO A 110 -7.56 5.55 18.15
C PRO A 110 -6.21 5.23 17.53
N LEU A 111 -6.18 4.22 16.68
CA LEU A 111 -5.00 3.78 15.95
C LEU A 111 -5.22 2.27 16.02
N TYR A 112 -5.50 1.78 17.22
CA TYR A 112 -5.92 0.40 17.26
C TYR A 112 -7.18 0.22 16.42
N SER A 113 -8.19 1.04 16.68
CA SER A 113 -9.41 0.93 15.88
C SER A 113 -9.11 0.93 14.39
N ALA A 114 -8.18 1.78 13.95
CA ALA A 114 -7.97 2.00 12.53
C ALA A 114 -7.35 0.76 11.90
N PHE A 115 -6.21 0.34 12.43
CA PHE A 115 -5.65 -0.94 11.98
C PHE A 115 -6.59 -2.13 12.06
N ALA A 116 -7.69 -2.03 12.74
CA ALA A 116 -8.55 -3.18 12.88
C ALA A 116 -9.85 -3.04 12.11
N SER A 117 -10.12 -1.89 11.53
CA SER A 117 -11.41 -1.64 10.90
C SER A 117 -11.29 -1.57 9.36
N GLU A 118 -12.18 -2.26 8.68
CA GLU A 118 -12.33 -2.03 7.26
C GLU A 118 -12.73 -0.60 6.96
N ARG A 119 -12.28 -0.08 5.80
CA ARG A 119 -12.79 1.23 5.36
C ARG A 119 -14.28 1.06 5.02
N THR A 120 -15.08 2.00 5.47
CA THR A 120 -16.51 1.96 5.18
C THR A 120 -16.87 2.91 4.07
N SER A 121 -17.90 2.53 3.32
CA SER A 121 -18.17 3.23 2.07
C SER A 121 -18.64 4.65 2.31
N ASP A 122 -18.88 5.05 3.54
CA ASP A 122 -19.25 6.45 3.78
C ASP A 122 -18.03 7.35 3.98
N THR A 123 -16.81 6.85 3.78
CA THR A 123 -15.61 7.67 3.91
C THR A 123 -14.75 7.60 2.65
N ASP A 124 -13.78 8.49 2.58
CA ASP A 124 -12.70 8.51 1.61
C ASP A 124 -11.41 8.38 2.37
N ALA A 125 -10.37 7.86 1.65
CA ALA A 125 -9.03 7.77 2.17
C ALA A 125 -8.07 8.47 1.26
N VAL A 126 -7.11 9.11 1.95
CA VAL A 126 -6.22 10.05 1.30
C VAL A 126 -4.85 9.95 1.93
N THR A 127 -3.82 9.85 1.12
CA THR A 127 -2.45 9.94 1.61
C THR A 127 -1.75 11.12 1.00
N PRO A 128 -1.43 12.13 1.78
CA PRO A 128 -0.63 13.26 1.25
C PRO A 128 0.79 12.81 0.96
N LEU A 129 1.35 13.34 -0.13
CA LEU A 129 2.65 12.94 -0.62
C LEU A 129 3.75 13.82 -0.04
N VAL A 130 3.73 13.92 1.30
CA VAL A 130 4.80 14.47 2.11
C VAL A 130 5.74 13.32 2.53
N LYS A 131 6.66 13.61 3.46
CA LYS A 131 7.52 12.56 4.01
C LYS A 131 6.65 11.53 4.72
N PRO A 132 7.02 10.23 4.74
CA PRO A 132 8.15 9.62 4.00
C PRO A 132 7.91 9.26 2.52
N TYR A 133 6.79 9.77 1.96
CA TYR A 133 6.32 9.40 0.63
C TYR A 133 6.87 10.31 -0.48
N LYS A 134 7.97 11.02 -0.25
CA LYS A 134 8.41 11.96 -1.26
C LYS A 134 8.99 11.24 -2.45
N SER A 135 9.63 10.08 -2.24
CA SER A 135 10.13 9.37 -3.39
C SER A 135 9.05 9.16 -4.45
N VAL A 136 7.78 9.32 -4.07
CA VAL A 136 6.72 8.95 -4.97
C VAL A 136 6.44 10.03 -5.99
N LEU A 137 6.54 11.31 -5.59
CA LEU A 137 6.30 12.42 -6.51
C LEU A 137 6.98 12.18 -7.87
N ALA A 138 8.27 11.84 -7.87
CA ALA A 138 8.95 11.56 -9.13
C ALA A 138 8.30 10.39 -9.86
N ARG A 139 7.93 9.33 -9.13
CA ARG A 139 7.40 8.14 -9.77
C ARG A 139 6.13 8.44 -10.56
N VAL A 140 5.40 9.49 -10.17
CA VAL A 140 4.16 9.83 -10.85
C VAL A 140 4.45 10.65 -12.09
N VAL A 141 5.40 11.58 -11.97
CA VAL A 141 5.65 12.61 -12.97
C VAL A 141 6.38 12.04 -14.19
N ASP A 142 7.35 11.14 -13.99
CA ASP A 142 7.98 10.48 -15.13
C ASP A 142 7.31 9.18 -15.51
N HIS A 143 6.06 8.97 -15.13
CA HIS A 143 5.35 7.72 -15.36
C HIS A 143 4.71 7.78 -16.74
N GLU A 144 5.05 6.83 -17.61
CA GLU A 144 4.57 6.84 -18.98
C GLU A 144 3.07 7.05 -19.04
N ASP A 145 2.33 6.44 -18.11
CA ASP A 145 0.87 6.43 -18.15
C ASP A 145 0.25 7.65 -17.49
N ALA A 146 1.06 8.53 -16.93
CA ALA A 146 0.52 9.75 -16.34
C ALA A 146 -0.19 10.59 -17.40
N HIS A 147 -1.27 11.26 -16.97
CA HIS A 147 -1.95 12.31 -17.72
C HIS A 147 -1.46 13.66 -17.18
N ASP A 148 -1.78 14.71 -17.92
CA ASP A 148 -1.76 16.08 -17.41
C ASP A 148 -3.21 16.54 -17.27
N GLU A 149 -3.57 17.09 -16.10
CA GLU A 149 -4.96 17.41 -15.87
C GLU A 149 -5.06 18.71 -15.13
N ILE A 150 -6.29 19.16 -15.01
CA ILE A 150 -6.56 20.34 -14.23
C ILE A 150 -7.43 19.92 -13.06
N MET A 151 -6.98 20.32 -11.87
CA MET A 151 -7.56 20.00 -10.56
C MET A 151 -7.96 21.32 -9.95
N GLN A 152 -9.25 21.49 -9.71
CA GLN A 152 -9.83 22.78 -9.36
C GLN A 152 -10.07 22.88 -7.87
N ASP A 153 -9.36 23.81 -7.24
CA ASP A 153 -9.23 23.88 -5.79
C ASP A 153 -9.86 25.16 -5.28
N ASN A 154 -10.53 25.05 -4.13
CA ASN A 154 -11.26 26.16 -3.55
C ASN A 154 -10.33 27.22 -2.97
N LEU A 155 -9.13 26.82 -2.57
CA LEU A 155 -8.19 27.75 -1.96
C LEU A 155 -7.04 28.17 -2.86
N PHE A 156 -6.47 27.22 -3.59
CA PHE A 156 -5.37 27.49 -4.52
C PHE A 156 -5.90 27.85 -5.89
N GLY A 157 -7.05 27.29 -6.25
CA GLY A 157 -7.77 27.67 -7.43
C GLY A 157 -7.80 26.55 -8.46
N ASP A 158 -7.13 26.79 -9.58
CA ASP A 158 -6.88 25.78 -10.59
C ASP A 158 -5.45 25.28 -10.44
N LEU A 159 -5.22 24.01 -10.75
CA LEU A 159 -3.85 23.49 -10.71
C LEU A 159 -3.61 22.50 -11.85
N ASN A 160 -2.44 22.65 -12.49
CA ASN A 160 -1.87 21.58 -13.29
C ASN A 160 -1.40 20.46 -12.36
N VAL A 161 -1.95 19.26 -12.53
CA VAL A 161 -1.46 18.08 -11.84
C VAL A 161 -1.07 17.02 -12.87
N LYS A 162 0.13 16.47 -12.73
CA LYS A 162 0.37 15.11 -13.24
C LYS A 162 -0.50 14.15 -12.45
N VAL A 163 -1.19 13.28 -13.17
CA VAL A 163 -2.18 12.38 -12.62
C VAL A 163 -1.93 11.00 -13.18
N TYR A 164 -1.63 10.05 -12.29
CA TYR A 164 -1.72 8.62 -12.58
C TYR A 164 -3.00 8.07 -12.00
N ARG A 165 -3.79 7.37 -12.83
CA ARG A 165 -5.09 6.83 -12.46
C ARG A 165 -5.02 5.31 -12.53
N GLN A 166 -4.74 4.69 -11.40
CA GLN A 166 -4.74 3.25 -11.40
C GLN A 166 -6.14 2.69 -11.64
N THR A 167 -6.23 1.70 -12.52
CA THR A 167 -7.49 1.07 -12.86
C THR A 167 -7.29 -0.44 -12.99
N ALA A 168 -8.20 -1.20 -12.40
CA ALA A 168 -8.24 -2.62 -12.68
C ALA A 168 -9.27 -2.97 -13.77
N TYR A 169 -9.29 -4.25 -14.14
CA TYR A 169 -10.30 -4.79 -15.04
C TYR A 169 -10.75 -6.11 -14.49
N LEU A 170 -12.06 -6.29 -14.37
CA LEU A 170 -12.56 -7.42 -13.62
C LEU A 170 -13.84 -7.77 -14.35
N HIS A 171 -14.03 -9.03 -14.68
CA HIS A 171 -15.22 -9.43 -15.43
C HIS A 171 -15.32 -8.70 -16.77
N GLY A 172 -14.30 -7.92 -17.13
CA GLY A 172 -14.36 -6.96 -18.21
C GLY A 172 -14.87 -5.57 -17.84
N ASN A 173 -15.15 -5.28 -16.56
CA ASN A 173 -15.59 -3.96 -16.15
C ASN A 173 -14.44 -3.18 -15.57
N VAL A 174 -14.50 -1.87 -15.68
CA VAL A 174 -13.35 -1.06 -15.31
C VAL A 174 -13.60 -0.58 -13.87
N ILE A 175 -12.60 -0.69 -13.01
CA ILE A 175 -12.75 -0.30 -11.60
C ILE A 175 -11.65 0.70 -11.38
N PRO A 176 -11.94 1.99 -11.28
CA PRO A 176 -10.91 2.92 -10.82
C PRO A 176 -10.43 2.48 -9.43
N LEU A 177 -9.16 2.78 -9.12
CA LEU A 177 -8.52 2.35 -7.91
C LEU A 177 -7.97 3.62 -7.26
N ASN A 178 -6.65 3.72 -7.06
CA ASN A 178 -5.95 4.91 -6.56
C ASN A 178 -5.53 5.89 -7.65
N THR A 179 -5.55 7.16 -7.28
CA THR A 179 -5.31 8.28 -8.18
C THR A 179 -4.20 9.08 -7.55
N PHE A 180 -3.07 9.11 -8.19
CA PHE A 180 -1.98 9.90 -7.68
C PHE A 180 -2.08 11.27 -8.34
N ARG A 181 -1.73 12.34 -7.62
CA ARG A 181 -1.71 13.70 -8.18
C ARG A 181 -0.51 14.47 -7.64
N VAL A 182 0.26 15.09 -8.51
CA VAL A 182 1.39 15.93 -8.12
C VAL A 182 1.19 17.30 -8.75
N ALA A 183 1.18 18.35 -7.91
CA ALA A 183 1.03 19.72 -8.39
C ALA A 183 2.38 20.25 -8.87
N THR A 184 2.35 20.96 -10.01
CA THR A 184 3.53 21.21 -10.84
C THR A 184 3.90 22.66 -11.11
N ASP A 185 3.13 23.65 -10.64
CA ASP A 185 3.59 25.03 -10.70
C ASP A 185 4.02 25.40 -9.29
N THR A 186 5.11 24.75 -8.87
CA THR A 186 5.49 24.77 -7.46
C THR A 186 5.64 26.19 -6.93
N GLU A 187 6.31 27.07 -7.67
CA GLU A 187 6.54 28.44 -7.18
C GLU A 187 5.24 29.10 -6.72
N TYR A 188 4.21 29.03 -7.58
CA TYR A 188 2.91 29.60 -7.26
C TYR A 188 2.38 29.11 -5.92
N LEU A 189 2.57 27.82 -5.63
CA LEU A 189 2.09 27.20 -4.40
C LEU A 189 2.73 27.85 -3.18
N ARG A 190 4.03 27.60 -2.96
CA ARG A 190 4.73 28.07 -1.76
C ARG A 190 4.31 29.51 -1.47
N ASP A 191 4.21 30.31 -2.54
CA ASP A 191 3.64 31.66 -2.41
C ASP A 191 2.21 31.58 -1.91
N ARG A 192 1.35 30.90 -2.65
CA ARG A 192 -0.06 30.91 -2.34
C ARG A 192 -0.34 30.25 -0.99
N VAL A 193 0.33 29.14 -0.68
CA VAL A 193 0.11 28.50 0.62
C VAL A 193 0.45 29.49 1.75
N ALA A 194 1.67 30.03 1.72
CA ALA A 194 2.07 31.01 2.74
C ALA A 194 1.01 32.10 2.86
N HIS A 195 0.60 32.64 1.71
CA HIS A 195 -0.52 33.56 1.65
C HIS A 195 -1.70 32.99 2.46
N LEU A 196 -2.25 31.85 2.02
CA LEU A 196 -3.50 31.37 2.59
C LEU A 196 -3.44 31.20 4.10
N ARG A 197 -2.25 30.90 4.65
CA ARG A 197 -2.15 30.43 6.03
C ARG A 197 -2.69 31.49 7.01
N THR A 198 -2.19 32.72 6.90
CA THR A 198 -2.36 33.69 7.98
C THR A 198 -3.81 34.10 8.18
N GLU A 199 -4.64 34.00 7.12
CA GLU A 199 -6.04 34.43 7.20
C GLU A 199 -6.88 33.39 7.96
N LEU A 200 -7.02 32.21 7.38
CA LEU A 200 -7.85 31.17 7.96
C LEU A 200 -7.22 30.57 9.19
N GLY A 201 -5.91 30.69 9.31
CA GLY A 201 -5.18 29.99 10.33
C GLY A 201 -4.51 28.77 9.75
N ALA A 202 -3.31 28.46 10.20
CA ALA A 202 -2.76 27.13 9.97
C ALA A 202 -3.85 26.11 10.28
N LYS A 203 -4.50 26.23 11.45
CA LYS A 203 -5.62 25.36 11.80
C LYS A 203 -6.43 25.07 10.54
N ALA A 204 -7.03 26.11 9.99
CA ALA A 204 -7.93 25.96 8.87
C ALA A 204 -7.23 25.63 7.55
N LEU A 205 -5.93 25.91 7.42
CA LEU A 205 -5.19 25.50 6.24
C LEU A 205 -4.72 24.04 6.35
N LYS A 206 -4.23 23.62 7.53
CA LYS A 206 -3.98 22.20 7.78
C LYS A 206 -5.21 21.38 7.36
N GLN A 207 -6.37 21.71 7.95
CA GLN A 207 -7.63 21.08 7.60
C GLN A 207 -7.63 20.75 6.11
N HIS A 208 -7.46 21.79 5.30
CA HIS A 208 -7.57 21.65 3.85
C HIS A 208 -6.54 20.67 3.29
N LEU A 209 -5.27 20.79 3.71
CA LEU A 209 -4.19 19.97 3.14
C LEU A 209 -4.25 18.52 3.64
N GLN A 210 -4.82 18.27 4.83
CA GLN A 210 -5.00 16.86 5.19
C GLN A 210 -5.79 16.15 4.09
N ARG A 211 -6.80 16.81 3.55
CA ARG A 211 -7.67 16.15 2.58
C ARG A 211 -7.41 16.56 1.15
N TYR A 212 -6.92 17.77 0.88
CA TYR A 212 -6.85 18.32 -0.47
C TYR A 212 -5.44 18.82 -0.79
N ASN A 213 -4.43 18.10 -0.41
CA ASN A 213 -3.10 18.53 -0.72
C ASN A 213 -2.94 18.49 -2.24
N PRO A 214 -2.48 19.53 -2.85
CA PRO A 214 -2.10 19.45 -4.26
C PRO A 214 -1.40 18.14 -4.65
N ASP A 215 -0.60 17.56 -3.77
CA ASP A 215 0.07 16.29 -4.07
C ASP A 215 -0.45 15.20 -3.15
N ARG A 216 -1.07 14.18 -3.72
CA ARG A 216 -1.77 13.24 -2.87
C ARG A 216 -2.20 12.04 -3.67
N ILE A 217 -2.36 10.93 -2.94
CA ILE A 217 -3.02 9.72 -3.40
C ILE A 217 -4.45 9.75 -2.91
N ASP A 218 -5.42 9.53 -3.79
CA ASP A 218 -6.81 9.31 -3.41
C ASP A 218 -7.12 7.83 -3.60
N HIS A 219 -7.57 7.16 -2.56
CA HIS A 219 -7.52 5.72 -2.66
C HIS A 219 -8.85 5.22 -3.19
N THR A 220 -8.82 3.96 -3.54
CA THR A 220 -9.98 3.24 -4.00
C THR A 220 -11.20 3.54 -3.18
N ASN A 221 -12.18 4.14 -3.79
CA ASN A 221 -13.49 4.26 -3.19
C ASN A 221 -13.84 3.01 -2.40
N ALA A 222 -14.12 3.18 -1.11
CA ALA A 222 -14.41 2.03 -0.25
C ALA A 222 -15.61 1.26 -0.78
N SER A 223 -16.39 1.89 -1.64
CA SER A 223 -17.55 1.20 -2.20
C SER A 223 -17.18 0.00 -3.06
N TYR A 224 -16.01 0.03 -3.69
CA TYR A 224 -15.70 -1.12 -4.54
C TYR A 224 -15.29 -2.35 -3.75
N LEU A 225 -15.21 -2.29 -2.38
CA LEU A 225 -14.45 -3.33 -1.71
C LEU A 225 -15.20 -4.65 -1.55
N PRO A 226 -16.53 -4.64 -1.38
CA PRO A 226 -17.23 -5.93 -1.48
C PRO A 226 -16.85 -6.72 -2.74
N ILE A 227 -16.83 -6.10 -3.92
CA ILE A 227 -16.66 -6.94 -5.11
C ILE A 227 -15.20 -7.34 -5.24
N ILE A 228 -14.31 -6.44 -4.84
CA ILE A 228 -12.89 -6.80 -4.75
C ILE A 228 -12.71 -7.96 -3.77
N LYS A 229 -13.36 -7.87 -2.63
CA LYS A 229 -13.21 -8.89 -1.60
C LYS A 229 -13.67 -10.24 -2.08
N ASP A 230 -14.83 -10.27 -2.78
CA ASP A 230 -15.28 -11.46 -3.51
C ASP A 230 -14.22 -11.89 -4.51
N HIS A 231 -13.69 -10.95 -5.26
CA HIS A 231 -12.68 -11.36 -6.19
C HIS A 231 -11.49 -12.03 -5.52
N LEU A 232 -11.10 -11.54 -4.35
CA LEU A 232 -9.96 -12.09 -3.64
C LEU A 232 -10.23 -13.49 -3.08
N ASN A 233 -11.43 -13.74 -2.57
CA ASN A 233 -11.64 -15.14 -2.21
C ASN A 233 -11.52 -16.03 -3.44
N ASP A 234 -12.06 -15.59 -4.55
CA ASP A 234 -11.87 -16.33 -5.80
C ASP A 234 -10.39 -16.63 -6.03
N LEU A 235 -9.50 -15.59 -5.99
CA LEU A 235 -8.07 -15.82 -6.23
C LEU A 235 -7.49 -16.74 -5.18
N TYR A 236 -7.71 -16.40 -3.92
CA TYR A 236 -7.28 -17.26 -2.82
C TYR A 236 -7.68 -18.71 -3.05
N ARG A 237 -8.99 -18.96 -3.17
CA ARG A 237 -9.43 -20.31 -3.49
C ARG A 237 -8.63 -20.92 -4.65
N GLN A 238 -8.36 -20.15 -5.68
CA GLN A 238 -7.60 -20.73 -6.80
C GLN A 238 -6.19 -21.07 -6.37
N ALA A 239 -5.53 -20.16 -5.67
CA ALA A 239 -4.12 -20.32 -5.39
C ALA A 239 -3.85 -21.39 -4.36
N ILE A 240 -4.88 -21.88 -3.67
CA ILE A 240 -4.66 -23.01 -2.74
C ILE A 240 -5.09 -24.25 -3.51
N SER A 241 -4.87 -24.25 -4.83
CA SER A 241 -4.79 -25.49 -5.62
C SER A 241 -3.64 -26.36 -5.10
N SER A 242 -3.50 -27.58 -5.66
CA SER A 242 -2.33 -28.41 -5.49
C SER A 242 -1.60 -28.60 -6.79
N ASP A 243 -2.36 -28.53 -7.89
CA ASP A 243 -1.98 -28.86 -9.26
C ASP A 243 -1.22 -27.77 -9.99
N LEU A 244 -0.97 -26.63 -9.37
CA LEU A 244 -0.47 -25.49 -10.11
C LEU A 244 1.04 -25.56 -10.26
N SER A 245 1.52 -25.10 -11.40
CA SER A 245 2.94 -25.01 -11.59
C SER A 245 3.53 -23.92 -10.71
N GLN A 246 4.86 -23.84 -10.66
CA GLN A 246 5.47 -22.73 -9.93
C GLN A 246 5.08 -21.40 -10.57
N ALA A 247 5.08 -21.35 -11.90
CA ALA A 247 4.77 -20.08 -12.53
C ALA A 247 3.37 -19.64 -12.13
N GLU A 248 2.36 -20.36 -12.60
CA GLU A 248 0.99 -19.97 -12.30
C GLU A 248 0.72 -19.74 -10.80
N LEU A 249 1.51 -20.29 -9.90
CA LEU A 249 1.30 -19.96 -8.51
C LEU A 249 1.77 -18.54 -8.28
N ILE A 250 3.03 -18.28 -8.53
CA ILE A 250 3.56 -16.93 -8.37
C ILE A 250 2.68 -15.92 -9.09
N SER A 251 2.16 -16.26 -10.25
CA SER A 251 1.28 -15.27 -10.85
C SER A 251 0.14 -14.96 -9.87
N LEU A 252 -0.48 -16.02 -9.32
CA LEU A 252 -1.69 -15.86 -8.51
C LEU A 252 -1.33 -15.18 -7.18
N ILE A 253 -0.10 -15.34 -6.73
CA ILE A 253 0.33 -14.64 -5.53
C ILE A 253 0.52 -13.16 -5.83
N ALA A 254 1.21 -12.85 -6.92
CA ALA A 254 1.41 -11.43 -7.28
C ALA A 254 0.07 -10.69 -7.41
N ARG A 255 -0.87 -11.32 -8.09
CA ARG A 255 -2.21 -10.80 -8.24
C ARG A 255 -2.86 -10.54 -6.90
N THR A 256 -2.99 -11.58 -6.08
CA THR A 256 -3.59 -11.41 -4.74
C THR A 256 -2.93 -10.24 -4.02
N HIS A 257 -1.61 -10.25 -3.95
CA HIS A 257 -0.90 -9.06 -3.51
C HIS A 257 -1.42 -7.85 -4.24
N TRP A 258 -1.51 -7.93 -5.58
CA TRP A 258 -1.78 -6.71 -6.32
C TRP A 258 -3.13 -6.11 -5.93
N TRP A 259 -4.16 -6.96 -5.91
CA TRP A 259 -5.52 -6.50 -5.62
C TRP A 259 -5.65 -6.00 -4.18
N ALA A 260 -5.15 -6.79 -3.25
CA ALA A 260 -5.36 -6.45 -1.86
C ALA A 260 -4.63 -5.17 -1.50
N ALA A 261 -3.35 -5.09 -1.86
CA ALA A 261 -2.62 -3.84 -1.65
C ALA A 261 -3.36 -2.66 -2.27
N SER A 262 -3.91 -2.82 -3.48
CA SER A 262 -4.40 -1.62 -4.16
C SER A 262 -5.79 -1.22 -3.70
N ALA A 263 -6.63 -2.22 -3.41
CA ALA A 263 -7.91 -1.92 -2.76
C ALA A 263 -7.73 -1.15 -1.45
N MET A 264 -6.64 -1.39 -0.78
CA MET A 264 -6.45 -0.87 0.59
C MET A 264 -7.66 -1.12 1.48
N PRO A 265 -8.01 -2.37 1.78
CA PRO A 265 -9.30 -2.63 2.46
C PRO A 265 -9.44 -1.95 3.83
N ASP A 266 -8.34 -1.72 4.53
CA ASP A 266 -8.49 -1.23 5.88
C ASP A 266 -8.04 0.20 5.98
N GLN A 267 -8.49 0.81 7.06
CA GLN A 267 -8.16 2.18 7.34
C GLN A 267 -6.67 2.37 7.52
N ARG A 268 -5.98 1.37 8.06
CA ARG A 268 -4.52 1.42 8.23
C ARG A 268 -3.97 0.01 8.11
N GLY A 269 -2.66 -0.09 7.83
CA GLY A 269 -2.03 -1.39 7.83
C GLY A 269 -2.30 -2.27 6.61
N SER A 270 -3.06 -1.80 5.60
CA SER A 270 -3.32 -2.64 4.42
C SER A 270 -2.05 -3.18 3.76
N ALA A 271 -1.05 -2.33 3.59
CA ALA A 271 0.19 -2.83 2.96
C ALA A 271 0.77 -4.00 3.76
N ALA A 272 0.86 -3.84 5.08
CA ALA A 272 1.38 -4.94 5.87
C ALA A 272 0.54 -6.17 5.65
N LYS A 273 -0.77 -6.04 5.71
CA LYS A 273 -1.62 -7.23 5.59
C LYS A 273 -1.52 -7.85 4.20
N ALA A 274 -1.48 -7.02 3.14
CA ALA A 274 -1.44 -7.59 1.79
C ALA A 274 -0.24 -8.50 1.65
N GLU A 275 0.95 -7.99 2.02
CA GLU A 275 2.17 -8.75 1.91
C GLU A 275 2.10 -10.02 2.74
N PHE A 276 1.61 -9.89 3.98
CA PHE A 276 1.50 -11.05 4.87
C PHE A 276 0.66 -12.15 4.19
N ALA A 277 -0.50 -11.77 3.71
CA ALA A 277 -1.37 -12.74 3.09
C ALA A 277 -0.71 -13.31 1.82
N ALA A 278 -0.19 -12.43 0.94
CA ALA A 278 0.44 -12.93 -0.29
C ALA A 278 1.48 -13.95 0.04
N ARG A 279 2.24 -13.72 1.18
CA ARG A 279 3.33 -14.62 1.56
C ARG A 279 2.80 -15.89 2.24
N ALA A 280 1.78 -15.77 3.06
CA ALA A 280 1.24 -16.95 3.72
C ALA A 280 0.82 -18.02 2.69
N ILE A 281 0.22 -17.59 1.60
CA ILE A 281 -0.16 -18.53 0.55
C ILE A 281 1.07 -19.15 -0.09
N ALA A 282 2.10 -18.35 -0.33
CA ALA A 282 3.37 -18.92 -0.79
C ALA A 282 3.83 -20.06 0.14
N SER A 283 4.05 -19.75 1.42
CA SER A 283 4.54 -20.74 2.37
C SER A 283 3.65 -21.97 2.40
N ALA A 284 2.33 -21.82 2.18
CA ALA A 284 1.47 -23.01 2.23
C ALA A 284 1.84 -24.01 1.13
N HIS A 285 2.39 -23.53 0.02
CA HIS A 285 2.93 -24.40 -1.01
C HIS A 285 4.41 -24.74 -0.82
N GLY A 286 5.02 -24.29 0.28
CA GLY A 286 6.44 -24.56 0.51
C GLY A 286 7.41 -23.61 -0.16
N ILE A 287 6.93 -22.47 -0.66
CA ILE A 287 7.79 -21.43 -1.20
C ILE A 287 8.25 -20.47 -0.10
N GLU A 288 9.46 -19.92 -0.27
CA GLU A 288 10.10 -19.01 0.68
C GLU A 288 10.51 -17.78 -0.13
N LEU A 289 9.60 -16.82 -0.31
CA LEU A 289 9.96 -15.59 -1.01
C LEU A 289 10.97 -14.80 -0.18
N PRO A 290 11.91 -14.11 -0.84
CA PRO A 290 12.85 -13.26 -0.10
C PRO A 290 12.24 -11.92 0.25
N PRO A 291 12.95 -11.06 0.96
CA PRO A 291 12.45 -9.71 1.16
C PRO A 291 12.23 -9.08 -0.20
N PHE A 292 11.55 -7.95 -0.18
CA PHE A 292 11.52 -7.12 -1.36
C PHE A 292 12.82 -6.37 -1.49
N ARG A 293 13.16 -6.01 -2.71
CA ARG A 293 14.35 -5.24 -2.97
C ARG A 293 14.29 -3.91 -2.20
N ASN A 294 15.44 -3.29 -2.05
CA ASN A 294 15.47 -1.96 -1.50
C ASN A 294 14.91 -0.95 -2.48
N GLY A 295 14.36 0.12 -1.94
CA GLY A 295 13.70 1.10 -2.74
C GLY A 295 12.47 0.59 -3.44
N ASN A 296 12.10 -0.67 -3.20
CA ASN A 296 10.90 -1.28 -3.77
C ASN A 296 9.89 -1.52 -2.65
N VAL A 297 9.09 -0.49 -2.36
CA VAL A 297 7.97 -0.60 -1.42
C VAL A 297 6.83 -1.30 -2.13
N SER A 298 6.41 -2.44 -1.61
CA SER A 298 5.59 -3.35 -2.39
C SER A 298 4.26 -2.71 -2.77
N ASP A 299 3.53 -2.14 -1.78
CA ASP A 299 2.17 -1.65 -2.06
C ASP A 299 2.16 -0.41 -2.98
N ILE A 300 3.24 0.38 -2.96
CA ILE A 300 3.34 1.51 -3.88
C ILE A 300 3.61 1.02 -5.30
N GLU A 301 4.68 0.23 -5.49
CA GLU A 301 4.86 -0.45 -6.77
C GLU A 301 3.52 -1.01 -7.26
N ALA A 302 2.79 -1.74 -6.43
CA ALA A 302 1.50 -2.24 -6.91
C ALA A 302 0.58 -1.08 -7.31
N MET A 303 0.48 -0.05 -6.47
CA MET A 303 -0.51 0.99 -6.69
C MET A 303 -0.22 1.72 -7.99
N LEU A 304 1.06 1.97 -8.27
CA LEU A 304 1.50 2.66 -9.45
C LEU A 304 1.59 1.81 -10.66
N SER A 305 0.98 0.61 -10.70
CA SER A 305 1.03 -0.19 -11.92
C SER A 305 -0.31 -0.82 -12.20
N GLY A 306 -0.51 -1.32 -13.43
CA GLY A 306 -1.70 -2.11 -13.66
C GLY A 306 -1.44 -3.56 -13.27
N GLU A 307 -2.48 -4.36 -13.35
CA GLU A 307 -2.34 -5.69 -12.80
C GLU A 307 -1.29 -6.53 -13.52
N GLU A 308 -1.38 -6.64 -14.86
CA GLU A 308 -0.50 -7.58 -15.54
C GLU A 308 0.93 -7.04 -15.52
N GLU A 309 1.11 -5.73 -15.66
CA GLU A 309 2.41 -5.17 -15.38
C GLU A 309 2.96 -5.73 -14.09
N PHE A 310 2.19 -5.63 -13.00
CA PHE A 310 2.77 -5.99 -11.71
C PHE A 310 3.04 -7.48 -11.60
N VAL A 311 2.11 -8.27 -12.09
CA VAL A 311 2.29 -9.72 -12.08
C VAL A 311 3.60 -10.12 -12.74
N GLU A 312 3.99 -9.40 -13.78
CA GLU A 312 5.18 -9.81 -14.52
C GLU A 312 6.45 -9.24 -13.93
N LYS A 313 6.34 -8.08 -13.33
CA LYS A 313 7.47 -7.46 -12.64
C LYS A 313 7.65 -8.01 -11.23
N TYR A 314 6.84 -8.98 -10.82
CA TYR A 314 6.80 -9.33 -9.42
C TYR A 314 8.11 -9.93 -8.98
N ARG A 315 8.53 -11.03 -9.63
CA ARG A 315 9.70 -11.77 -9.16
C ARG A 315 10.96 -10.96 -8.96
N SER A 316 10.95 -9.71 -9.44
CA SER A 316 12.12 -8.87 -9.36
C SER A 316 11.99 -7.62 -8.49
N LEU A 317 10.79 -7.26 -8.06
CA LEU A 317 10.66 -6.48 -6.84
C LEU A 317 11.28 -7.23 -5.65
N LEU A 318 11.45 -8.54 -5.81
CA LEU A 318 12.03 -9.42 -4.80
C LEU A 318 13.54 -9.49 -4.94
N ASP A 319 14.22 -9.46 -3.81
CA ASP A 319 15.67 -9.57 -3.75
C ASP A 319 16.12 -11.00 -3.97
N SER A 320 16.06 -11.48 -5.23
CA SER A 320 16.42 -12.87 -5.58
C SER A 320 17.85 -12.95 -6.11
N ASP A 321 18.79 -12.59 -5.24
CA ASP A 321 20.22 -12.63 -5.51
C ASP A 321 20.90 -13.39 -4.38
N CYS A 322 21.72 -14.38 -4.71
CA CYS A 322 22.47 -15.12 -3.68
C CYS A 322 23.76 -14.38 -3.33
N ALA B 1 12.07 27.17 -10.05
CA ALA B 1 10.86 26.59 -9.38
C ALA B 1 11.22 25.44 -8.42
N PRO B 2 10.52 25.33 -7.31
CA PRO B 2 10.89 24.31 -6.31
C PRO B 2 10.64 22.89 -6.79
N LYS B 3 11.40 21.96 -6.20
CA LYS B 3 11.09 20.53 -6.32
C LYS B 3 9.57 20.36 -6.24
N PHE B 4 9.02 19.34 -6.91
CA PHE B 4 7.66 18.90 -6.61
C PHE B 4 7.49 18.70 -5.10
N GLY B 5 6.40 19.26 -4.57
CA GLY B 5 6.12 19.15 -3.14
C GLY B 5 6.84 20.14 -2.25
N ASP B 6 8.08 20.48 -2.60
CA ASP B 6 8.92 21.29 -1.73
C ASP B 6 8.41 22.71 -1.55
N TRP B 7 7.34 23.11 -2.27
CA TRP B 7 6.58 24.31 -1.93
C TRP B 7 5.98 24.24 -0.53
N ASP B 8 6.03 23.06 0.09
CA ASP B 8 5.45 22.78 1.41
C ASP B 8 6.55 22.72 2.48
N GLU B 9 7.47 23.70 2.43
CA GLU B 9 8.59 23.74 3.35
C GLU B 9 8.25 24.53 4.60
N ASN B 10 8.66 23.98 5.75
CA ASN B 10 8.51 24.64 7.04
C ASN B 10 7.09 25.13 7.27
N ASN B 11 6.12 24.71 6.47
CA ASN B 11 4.75 25.11 6.74
C ASN B 11 4.27 24.34 7.94
N PRO B 12 3.93 25.00 9.04
CA PRO B 12 3.30 24.32 10.17
C PRO B 12 2.02 23.61 9.77
N SER B 13 1.39 24.03 8.68
CA SER B 13 0.17 23.43 8.14
C SER B 13 0.44 22.27 7.20
N SER B 14 1.68 21.83 7.06
CA SER B 14 1.97 20.63 6.28
C SER B 14 1.17 19.45 6.79
N ALA B 15 0.38 18.85 5.91
CA ALA B 15 -0.29 17.59 6.23
C ALA B 15 0.70 16.61 6.87
N ASP B 16 0.18 15.61 7.57
CA ASP B 16 0.99 14.51 8.08
C ASP B 16 0.96 13.38 7.06
N GLY B 17 2.10 12.67 6.90
CA GLY B 17 2.26 11.70 5.84
C GLY B 17 1.76 10.29 6.11
N TYR B 18 0.46 10.14 6.30
CA TYR B 18 -0.14 8.84 6.48
C TYR B 18 -1.55 8.93 5.99
N THR B 19 -2.19 7.79 5.85
CA THR B 19 -3.55 7.76 5.32
C THR B 19 -4.51 8.35 6.30
N HIS B 20 -5.29 9.32 5.87
CA HIS B 20 -6.39 9.90 6.62
C HIS B 20 -7.68 9.45 5.95
N ILE B 21 -8.71 9.34 6.78
CA ILE B 21 -10.05 8.96 6.39
C ILE B 21 -10.96 10.13 6.72
N PHE B 22 -11.90 10.45 5.80
CA PHE B 22 -12.82 11.58 5.99
C PHE B 22 -14.22 11.16 5.61
N ASN B 23 -15.23 11.81 6.18
CA ASN B 23 -16.59 11.55 5.73
C ASN B 23 -16.75 12.02 4.28
N LYS B 24 -17.45 11.23 3.48
CA LYS B 24 -17.81 11.66 2.14
C LYS B 24 -18.64 12.94 2.23
N VAL B 25 -18.55 13.74 1.17
CA VAL B 25 -19.23 15.02 1.09
C VAL B 25 -20.61 14.90 0.49
#